data_7TXB
#
_entry.id   7TXB
#
_cell.length_a   117.110
_cell.length_b   117.110
_cell.length_c   325.917
_cell.angle_alpha   90.000
_cell.angle_beta   90.000
_cell.angle_gamma   120.000
#
_symmetry.space_group_name_H-M   'P 61 2 2'
#
loop_
_entity.id
_entity.type
_entity.pdbx_description
1 polymer 'Fructose-1,6-bisphosphatase class 2'
2 non-polymer GLYCEROL
3 non-polymer 1,6-di-O-phosphono-beta-D-fructofuranose
4 non-polymer 'MAGNESIUM ION'
5 water water
#
_entity_poly.entity_id   1
_entity_poly.type   'polypeptide(L)'
_entity_poly.pdbx_seq_one_letter_code
;GSSHHHHHHSSGLVPRGSHMELVRVTEAGAMAAGRWVGRGDKEGGDGAAVDAMRELVNSVSMRGVVVIGEGEKDHAPMLY
NGEEVGNGDGPECDFAVDPIDGTTLMSKGMTNAISVLAVADRGTMFDPSAVFYMNKIAVGPDAAHVLDITAPISENIRAV
AKVKDLSVRDMTVCILDRPRHAQLIHDVRATGARIRLITDGDVAGAISACRPHSGTDLLAGIGGTPEGIIAAAAIRCMGG
AIQAQLAPRDDAERRKALEAGYDLNQVLTTEDLVSGENVFFCATGVTDGDLLKGVRYYPGGCTTHSIVMRSKSGTVRMIE
AYHRLSKLNEYSAIDFTGDSSAVYPLP
;
_entity_poly.pdbx_strand_id   B,A
#
loop_
_chem_comp.id
_chem_comp.type
_chem_comp.name
_chem_comp.formula
FBP D-saccharide, beta linking 1,6-di-O-phosphono-beta-D-fructofuranose 'C6 H14 O12 P2'
GOL non-polymer GLYCEROL 'C3 H8 O3'
MG non-polymer 'MAGNESIUM ION' 'Mg 2'
#
# COMPACT_ATOMS: atom_id res chain seq x y z
N MET A 20 -8.56 3.38 -10.97
CA MET A 20 -8.03 2.11 -10.47
C MET A 20 -8.31 1.95 -8.97
N GLU A 21 -9.53 2.23 -8.56
CA GLU A 21 -9.94 2.16 -7.16
C GLU A 21 -10.12 0.72 -6.65
N LEU A 22 -9.56 -0.29 -7.34
CA LEU A 22 -10.00 -1.66 -7.15
C LEU A 22 -9.79 -2.15 -5.71
N VAL A 23 -8.64 -1.83 -5.12
CA VAL A 23 -8.27 -2.37 -3.81
C VAL A 23 -9.37 -2.12 -2.80
N ARG A 24 -9.83 -0.86 -2.73
CA ARG A 24 -10.90 -0.43 -1.85
C ARG A 24 -12.02 -1.47 -1.78
N VAL A 25 -12.41 -1.98 -2.95
CA VAL A 25 -13.45 -3.00 -3.07
C VAL A 25 -13.22 -4.10 -2.05
N THR A 26 -12.13 -4.86 -2.21
CA THR A 26 -11.85 -5.94 -1.27
C THR A 26 -11.80 -5.43 0.16
N GLU A 27 -11.16 -4.27 0.36
CA GLU A 27 -11.13 -3.66 1.69
C GLU A 27 -12.54 -3.47 2.22
N ALA A 28 -13.39 -2.80 1.43
CA ALA A 28 -14.81 -2.68 1.80
C ALA A 28 -15.38 -4.04 2.12
N GLY A 29 -15.14 -5.02 1.24
CA GLY A 29 -15.65 -6.36 1.47
C GLY A 29 -15.26 -6.91 2.82
N ALA A 30 -13.99 -6.73 3.20
CA ALA A 30 -13.57 -7.19 4.52
C ALA A 30 -14.27 -6.40 5.62
N MET A 31 -14.29 -5.07 5.48
CA MET A 31 -14.79 -4.21 6.54
C MET A 31 -16.19 -4.63 6.97
N ALA A 32 -17.15 -4.57 6.03
CA ALA A 32 -18.49 -5.10 6.29
C ALA A 32 -18.42 -6.51 6.88
N ALA A 33 -17.73 -7.41 6.17
CA ALA A 33 -17.64 -8.79 6.64
C ALA A 33 -16.98 -8.87 8.01
N GLY A 34 -16.04 -7.95 8.30
CA GLY A 34 -15.37 -7.98 9.58
C GLY A 34 -16.30 -7.81 10.75
N ARG A 35 -17.46 -7.19 10.52
CA ARG A 35 -18.42 -6.98 11.60
C ARG A 35 -19.28 -8.21 11.86
N TRP A 36 -19.07 -9.30 11.12
CA TRP A 36 -19.80 -10.55 11.33
C TRP A 36 -18.90 -11.66 11.85
N VAL A 37 -17.67 -11.34 12.25
CA VAL A 37 -16.75 -12.38 12.67
C VAL A 37 -17.14 -12.90 14.05
N GLY A 38 -17.11 -14.22 14.21
CA GLY A 38 -17.48 -14.87 15.44
C GLY A 38 -18.98 -14.97 15.69
N ARG A 39 -19.79 -14.18 14.98
CA ARG A 39 -21.22 -14.09 15.25
C ARG A 39 -21.98 -15.37 14.91
N GLY A 40 -21.36 -16.32 14.20
CA GLY A 40 -22.02 -17.55 13.88
C GLY A 40 -22.93 -17.52 12.67
N ASP A 41 -23.32 -16.34 12.20
CA ASP A 41 -24.12 -16.20 10.99
C ASP A 41 -23.19 -16.04 9.80
N LYS A 42 -23.33 -16.91 8.80
CA LYS A 42 -22.49 -16.88 7.62
C LYS A 42 -23.13 -16.06 6.50
N GLU A 43 -24.44 -16.22 6.30
CA GLU A 43 -25.14 -15.46 5.29
C GLU A 43 -25.04 -13.96 5.56
N GLY A 44 -25.09 -13.56 6.83
CA GLY A 44 -24.96 -12.14 7.14
C GLY A 44 -23.61 -11.57 6.70
N GLY A 45 -22.53 -12.30 6.98
CA GLY A 45 -21.22 -11.83 6.57
C GLY A 45 -21.06 -11.81 5.05
N ASP A 46 -21.46 -12.89 4.38
CA ASP A 46 -21.43 -12.89 2.92
C ASP A 46 -22.23 -11.74 2.35
N GLY A 47 -23.42 -11.47 2.91
CA GLY A 47 -24.25 -10.42 2.37
C GLY A 47 -23.69 -9.03 2.59
N ALA A 48 -23.15 -8.78 3.79
CA ALA A 48 -22.52 -7.49 4.06
C ALA A 48 -21.35 -7.26 3.11
N ALA A 49 -20.50 -8.28 2.96
CA ALA A 49 -19.35 -8.16 2.06
C ALA A 49 -19.80 -7.93 0.62
N VAL A 50 -20.81 -8.67 0.16
CA VAL A 50 -21.28 -8.54 -1.21
C VAL A 50 -21.86 -7.16 -1.45
N ASP A 51 -22.68 -6.67 -0.50
CA ASP A 51 -23.25 -5.34 -0.65
C ASP A 51 -22.17 -4.28 -0.72
N ALA A 52 -21.18 -4.35 0.17
CA ALA A 52 -20.11 -3.36 0.16
C ALA A 52 -19.34 -3.40 -1.17
N MET A 53 -18.90 -4.59 -1.57
CA MET A 53 -18.11 -4.71 -2.80
C MET A 53 -18.90 -4.26 -4.02
N ARG A 54 -20.19 -4.60 -4.09
CA ARG A 54 -21.02 -4.19 -5.21
C ARG A 54 -21.18 -2.68 -5.25
N GLU A 55 -21.58 -2.09 -4.13
CA GLU A 55 -21.83 -0.66 -4.07
C GLU A 55 -20.57 0.14 -4.36
N LEU A 56 -19.40 -0.45 -4.10
CA LEU A 56 -18.17 0.26 -4.38
C LEU A 56 -17.62 -0.01 -5.78
N VAL A 57 -17.85 -1.19 -6.34
CA VAL A 57 -17.34 -1.48 -7.67
C VAL A 57 -18.20 -0.82 -8.73
N ASN A 58 -19.50 -0.63 -8.46
CA ASN A 58 -20.31 0.10 -9.43
C ASN A 58 -19.99 1.59 -9.48
N SER A 59 -18.96 2.05 -8.77
CA SER A 59 -18.54 3.44 -8.78
C SER A 59 -17.18 3.67 -9.43
N VAL A 60 -16.44 2.61 -9.74
CA VAL A 60 -15.13 2.76 -10.38
C VAL A 60 -15.33 2.80 -11.89
N SER A 61 -14.65 3.74 -12.55
CA SER A 61 -14.75 3.89 -13.98
C SER A 61 -14.21 2.65 -14.68
N MET A 62 -15.08 1.68 -14.91
CA MET A 62 -14.68 0.36 -15.38
C MET A 62 -15.89 -0.46 -15.81
N ARG A 63 -15.96 -0.84 -17.08
CA ARG A 63 -17.00 -1.74 -17.55
C ARG A 63 -16.47 -3.17 -17.43
N GLY A 64 -17.21 -4.00 -16.72
CA GLY A 64 -16.72 -5.33 -16.40
C GLY A 64 -17.85 -6.32 -16.35
N VAL A 65 -17.55 -7.54 -16.79
CA VAL A 65 -18.48 -8.66 -16.75
C VAL A 65 -17.96 -9.68 -15.74
N VAL A 66 -18.83 -10.09 -14.83
CA VAL A 66 -18.49 -11.06 -13.79
C VAL A 66 -18.55 -12.45 -14.44
N VAL A 67 -17.38 -13.01 -14.75
CA VAL A 67 -17.37 -14.35 -15.33
C VAL A 67 -17.50 -15.40 -14.25
N ILE A 68 -17.08 -15.08 -13.03
CA ILE A 68 -17.13 -16.00 -11.91
C ILE A 68 -17.45 -15.22 -10.64
N GLY A 69 -18.55 -15.59 -9.96
CA GLY A 69 -18.95 -14.88 -8.76
C GLY A 69 -19.77 -15.71 -7.79
N GLU A 70 -20.78 -15.07 -7.19
CA GLU A 70 -21.61 -15.75 -6.19
C GLU A 70 -22.40 -16.89 -6.81
N GLY A 71 -23.11 -16.62 -7.91
CA GLY A 71 -23.88 -17.64 -8.58
C GLY A 71 -24.62 -17.17 -9.82
N GLU A 72 -25.82 -17.70 -10.04
CA GLU A 72 -26.65 -17.35 -11.19
C GLU A 72 -27.77 -16.41 -10.77
N LYS A 73 -28.64 -16.09 -11.74
CA LYS A 73 -29.70 -15.11 -11.57
C LYS A 73 -30.98 -15.70 -10.99
N ASP A 74 -30.87 -16.72 -10.14
CA ASP A 74 -32.05 -17.29 -9.48
C ASP A 74 -32.01 -17.08 -7.96
N HIS A 75 -31.43 -18.03 -7.22
CA HIS A 75 -31.44 -17.92 -5.77
C HIS A 75 -30.42 -16.89 -5.28
N ALA A 76 -29.25 -16.82 -5.93
CA ALA A 76 -28.24 -15.83 -5.57
C ALA A 76 -28.56 -14.52 -6.28
N PRO A 77 -29.03 -13.51 -5.55
CA PRO A 77 -29.51 -12.29 -6.21
C PRO A 77 -28.38 -11.36 -6.63
N MET A 78 -27.25 -11.45 -5.93
CA MET A 78 -26.23 -10.41 -5.98
C MET A 78 -24.89 -11.00 -6.37
N LEU A 79 -24.13 -10.24 -7.18
CA LEU A 79 -22.83 -10.66 -7.70
C LEU A 79 -22.94 -11.98 -8.47
N TYR A 80 -23.77 -11.94 -9.50
CA TYR A 80 -24.04 -13.11 -10.34
C TYR A 80 -23.16 -13.11 -11.58
N ASN A 81 -23.08 -14.27 -12.21
CA ASN A 81 -22.32 -14.39 -13.46
C ASN A 81 -23.04 -13.64 -14.58
N GLY A 82 -22.28 -12.88 -15.36
CA GLY A 82 -22.84 -12.04 -16.40
C GLY A 82 -23.27 -10.66 -15.95
N GLU A 83 -23.09 -10.32 -14.68
CA GLU A 83 -23.45 -9.00 -14.20
C GLU A 83 -22.48 -7.96 -14.75
N GLU A 84 -23.02 -6.86 -15.26
CA GLU A 84 -22.21 -5.76 -15.79
C GLU A 84 -21.96 -4.79 -14.64
N VAL A 85 -20.75 -4.79 -14.12
CA VAL A 85 -20.40 -4.02 -12.95
C VAL A 85 -19.64 -2.77 -13.37
N GLY A 86 -19.53 -1.83 -12.45
CA GLY A 86 -18.89 -0.55 -12.72
C GLY A 86 -19.88 0.50 -13.18
N ASN A 87 -19.40 1.74 -13.22
CA ASN A 87 -20.25 2.84 -13.67
C ASN A 87 -20.54 2.76 -15.17
N GLY A 88 -19.75 2.00 -15.92
CA GLY A 88 -19.91 1.87 -17.35
C GLY A 88 -18.74 2.39 -18.17
N ASP A 89 -17.83 3.14 -17.59
CA ASP A 89 -16.69 3.70 -18.33
C ASP A 89 -15.59 2.64 -18.44
N GLY A 90 -14.40 3.07 -18.86
CA GLY A 90 -13.23 2.22 -18.85
C GLY A 90 -13.28 1.09 -19.86
N PRO A 91 -12.20 0.31 -19.91
CA PRO A 91 -12.16 -0.84 -20.84
C PRO A 91 -12.94 -2.02 -20.31
N GLU A 92 -13.36 -2.87 -21.25
CA GLU A 92 -14.08 -4.08 -20.86
C GLU A 92 -13.12 -5.11 -20.29
N CYS A 93 -13.62 -5.93 -19.37
CA CYS A 93 -12.75 -6.81 -18.61
C CYS A 93 -13.55 -7.88 -17.88
N ASP A 94 -12.94 -9.06 -17.76
CA ASP A 94 -13.47 -10.13 -16.94
C ASP A 94 -13.19 -9.89 -15.47
N PHE A 95 -14.15 -10.29 -14.64
CA PHE A 95 -14.20 -9.98 -13.22
C PHE A 95 -14.48 -11.27 -12.47
N ALA A 96 -13.68 -11.56 -11.44
CA ALA A 96 -13.88 -12.71 -10.58
C ALA A 96 -13.74 -12.26 -9.13
N VAL A 97 -14.67 -12.69 -8.28
CA VAL A 97 -14.74 -12.20 -6.90
C VAL A 97 -15.08 -13.35 -5.98
N ASP A 98 -14.31 -13.52 -4.92
CA ASP A 98 -14.76 -14.30 -3.78
C ASP A 98 -14.96 -13.34 -2.63
N PRO A 99 -16.22 -13.00 -2.29
CA PRO A 99 -16.45 -12.01 -1.22
C PRO A 99 -15.80 -12.40 0.09
N ILE A 100 -15.95 -13.64 0.51
CA ILE A 100 -15.23 -14.16 1.67
C ILE A 100 -14.78 -15.57 1.33
N ASP A 101 -13.47 -15.76 1.18
CA ASP A 101 -12.93 -17.10 1.14
C ASP A 101 -12.92 -17.67 2.56
N GLY A 102 -13.57 -18.81 2.74
CA GLY A 102 -13.69 -19.39 4.07
C GLY A 102 -14.66 -18.60 4.93
N THR A 103 -15.90 -18.44 4.45
CA THR A 103 -16.94 -17.82 5.26
C THR A 103 -17.13 -18.56 6.57
N THR A 104 -16.92 -19.89 6.55
CA THR A 104 -16.98 -20.69 7.76
C THR A 104 -16.04 -20.15 8.82
N LEU A 105 -14.78 -19.91 8.45
CA LEU A 105 -13.81 -19.39 9.39
C LEU A 105 -14.18 -18.00 9.89
N MET A 106 -14.82 -17.21 9.03
CA MET A 106 -15.34 -15.91 9.45
C MET A 106 -16.36 -16.06 10.57
N SER A 107 -17.37 -16.91 10.35
CA SER A 107 -18.44 -17.04 11.34
C SER A 107 -17.95 -17.69 12.62
N LYS A 108 -17.06 -18.67 12.51
CA LYS A 108 -16.52 -19.33 13.69
C LYS A 108 -15.41 -18.52 14.36
N GLY A 109 -15.10 -17.34 13.85
CA GLY A 109 -14.08 -16.50 14.46
C GLY A 109 -12.68 -17.06 14.38
N MET A 110 -12.40 -17.91 13.41
CA MET A 110 -11.09 -18.52 13.26
C MET A 110 -10.23 -17.75 12.26
N THR A 111 -8.96 -18.14 12.19
CA THR A 111 -7.99 -17.45 11.36
C THR A 111 -8.23 -17.75 9.88
N ASN A 112 -7.44 -17.08 9.03
CA ASN A 112 -7.42 -17.31 7.58
C ASN A 112 -8.79 -17.09 6.93
N ALA A 113 -9.12 -15.84 6.65
CA ALA A 113 -10.34 -15.50 5.92
C ALA A 113 -10.12 -14.17 5.22
N ILE A 114 -10.40 -14.13 3.91
CA ILE A 114 -10.05 -12.99 3.10
C ILE A 114 -11.14 -12.70 2.08
N SER A 115 -11.08 -11.49 1.52
CA SER A 115 -11.96 -11.04 0.44
C SER A 115 -11.08 -10.81 -0.79
N VAL A 116 -11.30 -11.60 -1.84
CA VAL A 116 -10.36 -11.60 -2.96
C VAL A 116 -11.07 -11.19 -4.25
N LEU A 117 -10.30 -10.60 -5.15
CA LEU A 117 -10.79 -10.01 -6.38
C LEU A 117 -9.72 -10.13 -7.46
N ALA A 118 -10.10 -10.64 -8.63
CA ALA A 118 -9.22 -10.77 -9.78
C ALA A 118 -9.87 -10.14 -11.00
N VAL A 119 -9.08 -9.42 -11.78
CA VAL A 119 -9.54 -8.68 -12.94
C VAL A 119 -8.59 -8.94 -14.10
N ALA A 120 -9.14 -9.26 -15.27
CA ALA A 120 -8.32 -9.54 -16.45
C ALA A 120 -9.03 -9.01 -17.69
N ASP A 121 -8.37 -9.14 -18.84
CA ASP A 121 -8.98 -8.69 -20.09
C ASP A 121 -10.27 -9.45 -20.38
N ARG A 122 -11.14 -8.82 -21.18
CA ARG A 122 -12.44 -9.40 -21.48
C ARG A 122 -12.28 -10.70 -22.27
N GLY A 123 -12.83 -11.79 -21.74
CA GLY A 123 -12.79 -13.07 -22.40
C GLY A 123 -11.59 -13.94 -22.06
N THR A 124 -10.68 -13.46 -21.23
CA THR A 124 -9.47 -14.20 -20.90
C THR A 124 -9.60 -15.11 -19.69
N MET A 125 -10.65 -14.94 -18.89
CA MET A 125 -10.84 -15.82 -17.74
C MET A 125 -11.57 -17.09 -18.14
N PHE A 126 -11.37 -18.14 -17.34
CA PHE A 126 -11.80 -19.48 -17.71
C PHE A 126 -13.31 -19.56 -17.86
N ASP A 127 -13.74 -20.58 -18.61
CA ASP A 127 -15.13 -20.77 -18.96
C ASP A 127 -16.03 -20.87 -17.73
N PRO A 128 -17.13 -20.14 -17.68
CA PRO A 128 -18.23 -20.56 -16.80
C PRO A 128 -18.63 -21.99 -17.14
N SER A 129 -19.24 -22.18 -18.31
CA SER A 129 -19.66 -23.49 -18.83
C SER A 129 -20.58 -24.13 -17.78
N ALA A 130 -20.27 -25.33 -17.30
CA ALA A 130 -21.11 -26.03 -16.34
C ALA A 130 -20.39 -26.15 -14.99
N VAL A 131 -21.19 -26.19 -13.92
CA VAL A 131 -20.68 -26.08 -12.56
C VAL A 131 -20.02 -27.38 -12.09
N PHE A 132 -18.69 -27.42 -12.07
CA PHE A 132 -17.91 -28.53 -11.55
C PHE A 132 -17.00 -28.07 -10.42
N TYR A 133 -16.56 -29.03 -9.60
CA TYR A 133 -15.36 -28.85 -8.78
C TYR A 133 -14.11 -28.86 -9.65
N MET A 134 -12.97 -28.58 -9.05
CA MET A 134 -11.72 -28.51 -9.80
C MET A 134 -10.60 -29.15 -9.01
N ASN A 135 -10.07 -30.26 -9.51
CA ASN A 135 -8.78 -30.75 -9.03
C ASN A 135 -7.71 -29.78 -9.48
N LYS A 136 -6.79 -29.46 -8.57
CA LYS A 136 -5.80 -28.42 -8.83
C LYS A 136 -4.50 -28.77 -8.11
N ILE A 137 -3.40 -28.34 -8.71
CA ILE A 137 -2.06 -28.56 -8.16
C ILE A 137 -1.17 -27.40 -8.58
N ALA A 138 -0.59 -26.71 -7.61
CA ALA A 138 0.16 -25.49 -7.85
C ALA A 138 1.50 -25.54 -7.13
N VAL A 139 2.49 -24.87 -7.74
CA VAL A 139 3.82 -24.74 -7.16
C VAL A 139 4.36 -23.37 -7.56
N GLY A 140 5.29 -22.86 -6.76
CA GLY A 140 5.94 -21.60 -7.03
C GLY A 140 6.72 -21.62 -8.33
N PRO A 141 7.32 -20.49 -8.69
CA PRO A 141 8.10 -20.44 -9.94
C PRO A 141 9.28 -21.39 -9.96
N ASP A 142 9.75 -21.81 -8.77
CA ASP A 142 10.90 -22.69 -8.63
C ASP A 142 10.79 -23.90 -9.56
N ALA A 143 9.74 -24.68 -9.38
CA ALA A 143 9.53 -25.92 -10.14
C ALA A 143 8.26 -25.82 -10.98
N ALA A 144 8.08 -24.69 -11.66
CA ALA A 144 6.85 -24.48 -12.42
C ALA A 144 6.73 -25.46 -13.57
N HIS A 145 7.80 -25.63 -14.35
CA HIS A 145 7.74 -26.40 -15.59
C HIS A 145 7.68 -27.91 -15.37
N VAL A 146 7.75 -28.40 -14.13
CA VAL A 146 7.82 -29.84 -13.89
C VAL A 146 6.51 -30.41 -13.38
N LEU A 147 5.47 -29.59 -13.20
CA LEU A 147 4.19 -30.12 -12.77
C LEU A 147 3.53 -30.91 -13.90
N ASP A 148 2.85 -31.99 -13.53
CA ASP A 148 2.03 -32.78 -14.45
C ASP A 148 0.92 -33.39 -13.61
N ILE A 149 -0.22 -32.69 -13.59
CA ILE A 149 -1.33 -33.05 -12.70
C ILE A 149 -1.82 -34.47 -12.96
N THR A 150 -1.61 -35.00 -14.17
CA THR A 150 -2.01 -36.37 -14.48
C THR A 150 -1.08 -37.41 -13.85
N ALA A 151 0.17 -37.05 -13.58
CA ALA A 151 1.08 -37.96 -12.91
C ALA A 151 0.65 -38.16 -11.46
N PRO A 152 1.07 -39.26 -10.82
CA PRO A 152 0.79 -39.42 -9.40
C PRO A 152 1.45 -38.33 -8.58
N ILE A 153 0.88 -38.07 -7.40
CA ILE A 153 1.42 -37.03 -6.53
C ILE A 153 2.84 -37.38 -6.10
N SER A 154 3.19 -38.68 -6.12
CA SER A 154 4.54 -39.08 -5.76
C SER A 154 5.57 -38.46 -6.71
N GLU A 155 5.32 -38.57 -8.02
CA GLU A 155 6.26 -38.04 -8.99
C GLU A 155 6.31 -36.51 -8.94
N ASN A 156 5.16 -35.85 -8.74
CA ASN A 156 5.15 -34.40 -8.61
C ASN A 156 5.97 -33.96 -7.42
N ILE A 157 5.78 -34.62 -6.27
CA ILE A 157 6.54 -34.29 -5.07
C ILE A 157 8.03 -34.48 -5.32
N ARG A 158 8.41 -35.61 -5.93
CA ARG A 158 9.82 -35.89 -6.14
C ARG A 158 10.46 -34.88 -7.11
N ALA A 159 9.78 -34.57 -8.21
CA ALA A 159 10.30 -33.60 -9.16
C ALA A 159 10.46 -32.24 -8.51
N VAL A 160 9.41 -31.75 -7.85
CA VAL A 160 9.46 -30.42 -7.22
C VAL A 160 10.52 -30.41 -6.12
N ALA A 161 10.73 -31.55 -5.45
CA ALA A 161 11.73 -31.61 -4.39
C ALA A 161 13.13 -31.49 -4.97
N LYS A 162 13.43 -32.26 -6.02
CA LYS A 162 14.76 -32.17 -6.62
C LYS A 162 15.00 -30.78 -7.21
N VAL A 163 13.99 -30.20 -7.86
CA VAL A 163 14.17 -28.88 -8.46
C VAL A 163 14.39 -27.82 -7.39
N LYS A 164 13.58 -27.85 -6.32
CA LYS A 164 13.76 -26.91 -5.22
C LYS A 164 14.98 -27.22 -4.35
N ASP A 165 15.76 -28.24 -4.68
CA ASP A 165 16.91 -28.67 -3.90
C ASP A 165 16.50 -29.00 -2.46
N LEU A 166 15.53 -29.91 -2.36
CA LEU A 166 15.00 -30.33 -1.07
C LEU A 166 15.01 -31.85 -0.97
N SER A 167 15.14 -32.33 0.26
CA SER A 167 14.82 -33.73 0.54
C SER A 167 13.31 -33.91 0.50
N VAL A 168 12.88 -35.12 0.13
CA VAL A 168 11.45 -35.39 0.04
C VAL A 168 10.78 -35.35 1.40
N ARG A 169 11.55 -35.55 2.48
CA ARG A 169 10.96 -35.56 3.82
C ARG A 169 10.60 -34.15 4.28
N ASP A 170 11.29 -33.13 3.76
CA ASP A 170 11.06 -31.75 4.16
C ASP A 170 10.08 -31.02 3.23
N MET A 171 9.39 -31.73 2.36
CA MET A 171 8.39 -31.10 1.50
C MET A 171 7.05 -30.98 2.23
N THR A 172 6.41 -29.83 2.10
CA THR A 172 5.18 -29.51 2.81
C THR A 172 4.07 -29.29 1.78
N VAL A 173 3.16 -30.26 1.68
CA VAL A 173 2.05 -30.19 0.74
C VAL A 173 0.82 -29.66 1.47
N CYS A 174 0.20 -28.64 0.90
CA CYS A 174 -1.03 -28.09 1.45
C CYS A 174 -2.22 -28.80 0.81
N ILE A 175 -3.06 -29.42 1.64
CA ILE A 175 -4.24 -30.13 1.17
C ILE A 175 -5.43 -29.74 2.05
N LEU A 176 -6.59 -29.54 1.43
CA LEU A 176 -7.81 -29.29 2.18
C LEU A 176 -8.21 -30.55 2.94
N ASP A 177 -8.44 -30.39 4.25
CA ASP A 177 -8.82 -31.53 5.10
C ASP A 177 -10.26 -31.97 4.81
N ARG A 178 -10.43 -32.83 3.82
CA ARG A 178 -11.73 -33.36 3.40
C ARG A 178 -11.70 -34.87 3.40
N PRO A 179 -12.87 -35.52 3.35
CA PRO A 179 -12.84 -36.98 3.12
C PRO A 179 -12.43 -37.35 1.71
N ARG A 180 -12.80 -36.54 0.72
CA ARG A 180 -12.45 -36.82 -0.67
C ARG A 180 -10.94 -36.85 -0.90
N HIS A 181 -10.17 -36.19 -0.06
CA HIS A 181 -8.72 -36.10 -0.23
C HIS A 181 -7.95 -37.13 0.59
N ALA A 182 -8.66 -37.97 1.35
CA ALA A 182 -8.01 -38.94 2.23
C ALA A 182 -6.92 -39.71 1.50
N GLN A 183 -7.27 -40.34 0.38
CA GLN A 183 -6.28 -41.06 -0.43
C GLN A 183 -5.06 -40.20 -0.71
N LEU A 184 -5.29 -38.99 -1.26
CA LEU A 184 -4.19 -38.07 -1.50
C LEU A 184 -3.29 -37.95 -0.27
N ILE A 185 -3.91 -37.67 0.89
CA ILE A 185 -3.16 -37.60 2.14
C ILE A 185 -2.22 -38.79 2.26
N HIS A 186 -2.80 -40.00 2.25
CA HIS A 186 -2.01 -41.22 2.41
C HIS A 186 -0.84 -41.22 1.44
N ASP A 187 -1.12 -40.92 0.17
CA ASP A 187 -0.06 -40.95 -0.84
C ASP A 187 1.07 -40.00 -0.48
N VAL A 188 0.73 -38.76 -0.11
CA VAL A 188 1.76 -37.79 0.24
C VAL A 188 2.48 -38.24 1.50
N ARG A 189 1.77 -38.90 2.42
CA ARG A 189 2.44 -39.40 3.62
C ARG A 189 3.35 -40.57 3.30
N ALA A 190 3.12 -41.27 2.18
CA ALA A 190 3.98 -42.37 1.80
C ALA A 190 5.38 -41.88 1.44
N THR A 191 5.45 -40.78 0.69
CA THR A 191 6.74 -40.16 0.34
C THR A 191 7.40 -39.48 1.53
N GLY A 192 6.84 -39.60 2.73
CA GLY A 192 7.41 -38.94 3.89
C GLY A 192 7.25 -37.45 3.92
N ALA A 193 6.51 -36.88 2.97
CA ALA A 193 6.34 -35.43 2.89
C ALA A 193 5.33 -34.95 3.93
N ARG A 194 5.55 -33.73 4.40
CA ARG A 194 4.65 -33.10 5.35
C ARG A 194 3.40 -32.61 4.65
N ILE A 195 2.28 -32.66 5.36
CA ILE A 195 1.00 -32.16 4.86
C ILE A 195 0.49 -31.08 5.81
N ARG A 196 0.34 -29.86 5.28
CA ARG A 196 -0.26 -28.76 6.04
C ARG A 196 -1.76 -28.77 5.77
N LEU A 197 -2.46 -29.62 6.54
CA LEU A 197 -3.90 -29.73 6.40
C LEU A 197 -4.57 -28.41 6.78
N ILE A 198 -5.34 -27.85 5.86
CA ILE A 198 -6.14 -26.67 6.12
C ILE A 198 -7.61 -27.09 6.05
N THR A 199 -8.48 -26.22 6.57
CA THR A 199 -9.90 -26.51 6.60
C THR A 199 -10.70 -25.81 5.51
N ASP A 200 -10.34 -24.56 5.17
CA ASP A 200 -10.99 -23.81 4.10
C ASP A 200 -9.96 -22.95 3.39
N GLY A 201 -10.34 -22.47 2.20
CA GLY A 201 -9.63 -21.41 1.51
C GLY A 201 -8.35 -21.79 0.81
N ASP A 202 -8.46 -22.42 -0.36
CA ASP A 202 -7.26 -22.81 -1.11
C ASP A 202 -6.74 -21.70 -2.02
N VAL A 203 -7.39 -20.54 -2.08
CA VAL A 203 -6.81 -19.38 -2.76
C VAL A 203 -5.55 -18.94 -2.03
N ALA A 204 -5.70 -18.60 -0.74
CA ALA A 204 -4.56 -18.21 0.06
C ALA A 204 -3.54 -19.35 0.16
N GLY A 205 -4.01 -20.60 0.17
CA GLY A 205 -3.10 -21.72 0.20
C GLY A 205 -2.24 -21.83 -1.04
N ALA A 206 -2.85 -21.63 -2.22
CA ALA A 206 -2.09 -21.64 -3.46
C ALA A 206 -1.11 -20.47 -3.52
N ILE A 207 -1.55 -19.30 -3.09
CA ILE A 207 -0.65 -18.15 -3.05
C ILE A 207 0.51 -18.41 -2.10
N SER A 208 0.26 -19.14 -1.00
CA SER A 208 1.33 -19.47 -0.07
C SER A 208 2.30 -20.49 -0.66
N ALA A 209 1.77 -21.49 -1.37
CA ALA A 209 2.64 -22.41 -2.08
C ALA A 209 3.55 -21.68 -3.06
N CYS A 210 2.97 -20.74 -3.83
CA CYS A 210 3.79 -19.93 -4.73
C CYS A 210 4.53 -18.82 -4.00
N ARG A 211 4.36 -18.67 -2.70
CA ARG A 211 5.17 -17.69 -1.98
C ARG A 211 6.48 -18.34 -1.53
N PRO A 212 7.61 -17.66 -1.69
CA PRO A 212 8.88 -18.21 -1.21
C PRO A 212 8.98 -18.12 0.30
N HIS A 213 9.68 -19.10 0.88
CA HIS A 213 9.93 -19.19 2.32
C HIS A 213 8.65 -19.18 3.14
N SER A 214 7.51 -19.47 2.51
CA SER A 214 6.21 -19.43 3.18
C SER A 214 5.91 -20.72 3.95
N GLY A 215 6.79 -21.72 3.88
CA GLY A 215 6.54 -23.01 4.49
C GLY A 215 5.83 -24.00 3.59
N THR A 216 4.96 -23.53 2.71
CA THR A 216 4.26 -24.38 1.77
C THR A 216 5.04 -24.44 0.46
N ASP A 217 5.38 -25.65 0.02
CA ASP A 217 6.08 -25.85 -1.23
C ASP A 217 5.16 -26.17 -2.40
N LEU A 218 3.98 -26.72 -2.13
CA LEU A 218 3.10 -27.19 -3.18
C LEU A 218 1.70 -27.37 -2.63
N LEU A 219 0.70 -27.03 -3.44
CA LEU A 219 -0.70 -27.28 -3.13
C LEU A 219 -1.25 -28.34 -4.07
N ALA A 220 -2.09 -29.23 -3.54
CA ALA A 220 -2.68 -30.29 -4.33
C ALA A 220 -4.00 -30.70 -3.70
N GLY A 221 -5.05 -30.74 -4.49
CA GLY A 221 -6.35 -31.12 -3.97
C GLY A 221 -7.47 -30.67 -4.88
N ILE A 222 -8.66 -31.17 -4.59
CA ILE A 222 -9.85 -30.89 -5.39
C ILE A 222 -10.66 -29.83 -4.65
N GLY A 223 -10.51 -28.58 -5.07
CA GLY A 223 -11.26 -27.50 -4.47
C GLY A 223 -12.32 -26.93 -5.40
N GLY A 224 -12.65 -25.66 -5.20
CA GLY A 224 -13.65 -25.00 -6.02
C GLY A 224 -13.03 -24.33 -7.24
N THR A 225 -13.77 -24.39 -8.35
CA THR A 225 -13.29 -23.77 -9.59
C THR A 225 -13.14 -22.26 -9.48
N PRO A 226 -14.06 -21.51 -8.87
CA PRO A 226 -13.83 -20.05 -8.73
C PRO A 226 -12.55 -19.74 -7.96
N GLU A 227 -12.35 -20.43 -6.83
CA GLU A 227 -11.12 -20.26 -6.06
C GLU A 227 -9.91 -20.56 -6.91
N GLY A 228 -9.98 -21.61 -7.73
CA GLY A 228 -8.85 -21.97 -8.57
C GLY A 228 -8.55 -20.93 -9.62
N ILE A 229 -9.59 -20.32 -10.21
CA ILE A 229 -9.36 -19.31 -11.24
C ILE A 229 -8.77 -18.04 -10.62
N ILE A 230 -9.28 -17.63 -9.46
CA ILE A 230 -8.73 -16.45 -8.80
C ILE A 230 -7.30 -16.70 -8.35
N ALA A 231 -7.04 -17.90 -7.83
CA ALA A 231 -5.68 -18.28 -7.47
C ALA A 231 -4.77 -18.34 -8.70
N ALA A 232 -5.32 -18.72 -9.86
CA ALA A 232 -4.52 -18.72 -11.07
C ALA A 232 -4.16 -17.30 -11.48
N ALA A 233 -5.09 -16.37 -11.35
CA ALA A 233 -4.77 -14.96 -11.58
C ALA A 233 -3.65 -14.50 -10.65
N ALA A 234 -3.76 -14.86 -9.37
CA ALA A 234 -2.72 -14.48 -8.41
C ALA A 234 -1.37 -15.08 -8.79
N ILE A 235 -1.37 -16.37 -9.14
CA ILE A 235 -0.14 -17.07 -9.52
C ILE A 235 0.47 -16.45 -10.77
N ARG A 236 -0.38 -16.06 -11.72
CA ARG A 236 0.09 -15.36 -12.91
C ARG A 236 0.74 -14.03 -12.54
N CYS A 237 0.16 -13.33 -11.55
CA CYS A 237 0.72 -12.04 -11.14
C CYS A 237 2.09 -12.23 -10.48
N MET A 238 2.16 -13.09 -9.48
CA MET A 238 3.37 -13.23 -8.66
C MET A 238 4.36 -14.24 -9.23
N GLY A 239 3.97 -15.05 -10.19
CA GLY A 239 4.84 -16.08 -10.71
C GLY A 239 4.54 -17.43 -10.08
N GLY A 240 4.77 -18.49 -10.86
CA GLY A 240 4.48 -19.83 -10.44
C GLY A 240 3.65 -20.54 -11.49
N ALA A 241 3.03 -21.65 -11.09
CA ALA A 241 2.22 -22.40 -12.05
C ALA A 241 1.18 -23.23 -11.30
N ILE A 242 -0.05 -23.19 -11.81
CA ILE A 242 -1.13 -24.05 -11.34
C ILE A 242 -1.67 -24.84 -12.51
N GLN A 243 -1.93 -26.13 -12.29
CA GLN A 243 -2.55 -27.00 -13.28
C GLN A 243 -3.84 -27.56 -12.70
N ALA A 244 -4.86 -27.69 -13.53
CA ALA A 244 -6.19 -28.04 -13.06
C ALA A 244 -6.88 -28.98 -14.03
N GLN A 245 -7.64 -29.93 -13.46
CA GLN A 245 -8.59 -30.74 -14.20
C GLN A 245 -9.96 -30.57 -13.58
N LEU A 246 -10.97 -30.33 -14.41
CA LEU A 246 -12.33 -30.26 -13.90
C LEU A 246 -12.73 -31.61 -13.32
N ALA A 247 -13.65 -31.58 -12.37
CA ALA A 247 -14.03 -32.80 -11.69
C ALA A 247 -15.46 -32.70 -11.20
N PRO A 248 -16.26 -33.74 -11.36
CA PRO A 248 -17.63 -33.73 -10.87
C PRO A 248 -17.72 -34.22 -9.43
N ARG A 249 -18.84 -33.87 -8.78
CA ARG A 249 -19.04 -34.24 -7.39
C ARG A 249 -19.40 -35.72 -7.24
N ASP A 250 -20.23 -36.25 -8.14
CA ASP A 250 -20.73 -37.62 -8.04
C ASP A 250 -20.60 -38.31 -9.39
N ASP A 251 -20.86 -39.62 -9.38
CA ASP A 251 -20.86 -40.38 -10.62
C ASP A 251 -21.95 -39.93 -11.58
N ALA A 252 -23.04 -39.38 -11.03
CA ALA A 252 -24.11 -38.85 -11.87
C ALA A 252 -23.59 -37.76 -12.79
N GLU A 253 -22.76 -36.86 -12.26
CA GLU A 253 -22.26 -35.75 -13.07
C GLU A 253 -21.12 -36.20 -13.98
N ARG A 254 -20.36 -37.23 -13.58
CA ARG A 254 -19.44 -37.87 -14.52
C ARG A 254 -20.19 -38.41 -15.73
N ARG A 255 -21.29 -39.12 -15.50
CA ARG A 255 -22.10 -39.62 -16.58
C ARG A 255 -22.62 -38.48 -17.45
N LYS A 256 -23.17 -37.44 -16.81
CA LYS A 256 -23.65 -36.27 -17.54
C LYS A 256 -22.57 -35.71 -18.45
N ALA A 257 -21.34 -35.58 -17.92
CA ALA A 257 -20.24 -35.12 -18.75
C ALA A 257 -19.95 -36.08 -19.89
N LEU A 258 -20.23 -37.37 -19.70
CA LEU A 258 -20.01 -38.32 -20.78
C LEU A 258 -21.04 -38.17 -21.90
N GLU A 259 -22.32 -37.97 -21.58
CA GLU A 259 -23.27 -37.76 -22.67
C GLU A 259 -23.07 -36.42 -23.37
N ALA A 260 -22.54 -35.42 -22.66
CA ALA A 260 -22.48 -34.07 -23.19
C ALA A 260 -21.12 -33.70 -23.77
N GLY A 261 -20.15 -34.61 -23.72
CA GLY A 261 -18.86 -34.34 -24.34
C GLY A 261 -18.00 -33.35 -23.58
N TYR A 262 -17.62 -33.70 -22.35
CA TYR A 262 -16.66 -32.92 -21.57
C TYR A 262 -15.40 -33.75 -21.40
N ASP A 263 -14.30 -33.27 -21.99
CA ASP A 263 -12.99 -33.91 -21.84
C ASP A 263 -12.50 -33.62 -20.42
N LEU A 264 -13.00 -34.40 -19.47
CA LEU A 264 -12.60 -34.20 -18.07
C LEU A 264 -11.12 -34.48 -17.88
N ASN A 265 -10.52 -35.31 -18.73
CA ASN A 265 -9.08 -35.54 -18.70
C ASN A 265 -8.28 -34.30 -19.11
N GLN A 266 -8.93 -33.28 -19.64
CA GLN A 266 -8.23 -32.08 -20.10
C GLN A 266 -7.51 -31.41 -18.94
N VAL A 267 -6.28 -30.97 -19.21
CA VAL A 267 -5.47 -30.26 -18.24
C VAL A 267 -5.53 -28.77 -18.55
N LEU A 268 -5.76 -27.96 -17.52
CA LEU A 268 -5.77 -26.51 -17.65
C LEU A 268 -4.53 -25.95 -16.97
N THR A 269 -3.85 -25.02 -17.65
CA THR A 269 -2.66 -24.39 -17.10
C THR A 269 -3.03 -23.07 -16.44
N THR A 270 -2.01 -22.36 -15.94
CA THR A 270 -2.23 -21.05 -15.36
C THR A 270 -2.78 -20.08 -16.39
N GLU A 271 -2.20 -20.09 -17.59
CA GLU A 271 -2.69 -19.20 -18.65
C GLU A 271 -4.08 -19.61 -19.11
N ASP A 272 -4.39 -20.91 -19.11
CA ASP A 272 -5.68 -21.36 -19.61
C ASP A 272 -6.82 -20.84 -18.74
N LEU A 273 -6.60 -20.67 -17.44
CA LEU A 273 -7.63 -20.13 -16.57
C LEU A 273 -7.74 -18.62 -16.71
N VAL A 274 -6.61 -17.91 -16.66
CA VAL A 274 -6.57 -16.46 -16.82
C VAL A 274 -5.47 -16.14 -17.83
N SER A 275 -5.87 -15.70 -19.03
CA SER A 275 -4.96 -15.55 -20.17
C SER A 275 -4.76 -14.10 -20.59
N GLY A 276 -5.04 -13.15 -19.72
CA GLY A 276 -4.93 -11.76 -20.09
C GLY A 276 -3.50 -11.29 -20.25
N GLU A 277 -3.35 -9.97 -20.34
CA GLU A 277 -2.03 -9.34 -20.36
C GLU A 277 -1.81 -8.46 -19.14
N ASN A 278 -2.76 -7.60 -18.79
CA ASN A 278 -2.79 -7.01 -17.47
C ASN A 278 -3.69 -7.84 -16.56
N VAL A 279 -3.11 -8.43 -15.53
CA VAL A 279 -3.84 -9.25 -14.58
C VAL A 279 -3.70 -8.60 -13.21
N PHE A 280 -4.83 -8.41 -12.54
CA PHE A 280 -4.90 -7.70 -11.28
C PHE A 280 -5.48 -8.66 -10.25
N PHE A 281 -4.81 -8.81 -9.11
CA PHE A 281 -5.34 -9.65 -8.04
C PHE A 281 -5.11 -8.95 -6.71
N CYS A 282 -6.19 -8.66 -6.00
CA CYS A 282 -6.07 -8.05 -4.69
C CYS A 282 -6.94 -8.79 -3.69
N ALA A 283 -6.36 -9.03 -2.52
CA ALA A 283 -7.06 -9.62 -1.38
C ALA A 283 -7.00 -8.65 -0.21
N THR A 284 -7.98 -8.77 0.68
CA THR A 284 -7.98 -8.02 1.93
C THR A 284 -8.34 -8.97 3.06
N GLY A 285 -7.53 -8.97 4.12
CA GLY A 285 -7.75 -9.89 5.22
C GLY A 285 -9.01 -9.56 5.99
N VAL A 286 -9.85 -10.57 6.22
CA VAL A 286 -11.05 -10.42 7.05
C VAL A 286 -10.67 -10.78 8.48
N THR A 287 -10.31 -12.04 8.71
CA THR A 287 -9.73 -12.44 9.97
C THR A 287 -8.20 -12.49 9.82
N ASP A 288 -7.51 -12.78 10.91
CA ASP A 288 -6.05 -12.84 10.89
C ASP A 288 -5.60 -14.06 10.07
N GLY A 289 -5.15 -13.81 8.84
CA GLY A 289 -4.68 -14.86 7.97
C GLY A 289 -3.16 -14.92 7.93
N ASP A 290 -2.66 -16.01 7.35
CA ASP A 290 -1.21 -16.21 7.28
C ASP A 290 -0.54 -15.15 6.40
N LEU A 291 -1.21 -14.74 5.33
CA LEU A 291 -0.64 -13.73 4.43
C LEU A 291 -1.31 -12.37 4.57
N LEU A 292 -2.38 -12.25 5.35
CA LEU A 292 -3.04 -10.97 5.55
C LEU A 292 -3.66 -10.90 6.92
N LYS A 293 -3.39 -9.81 7.64
CA LYS A 293 -3.98 -9.60 8.95
C LYS A 293 -5.41 -9.09 8.79
N GLY A 294 -6.28 -9.51 9.71
CA GLY A 294 -7.67 -9.15 9.65
C GLY A 294 -7.89 -7.67 9.87
N VAL A 295 -9.17 -7.32 9.88
CA VAL A 295 -9.59 -5.94 10.12
C VAL A 295 -9.58 -5.67 11.62
N ARG A 296 -8.90 -4.61 12.02
CA ARG A 296 -8.94 -4.15 13.41
C ARG A 296 -9.85 -2.93 13.51
N TYR A 297 -10.82 -2.99 14.42
CA TYR A 297 -11.73 -1.88 14.65
C TYR A 297 -11.37 -1.14 15.93
N TYR A 298 -11.20 0.17 15.82
CA TYR A 298 -11.07 1.07 16.95
C TYR A 298 -12.09 2.18 16.77
N PRO A 299 -12.47 2.86 17.86
CA PRO A 299 -13.55 3.86 17.74
C PRO A 299 -13.37 4.89 16.63
N GLY A 300 -12.13 5.25 16.29
CA GLY A 300 -11.93 6.20 15.20
C GLY A 300 -12.27 5.61 13.85
N GLY A 301 -11.89 4.35 13.62
CA GLY A 301 -12.19 3.67 12.38
C GLY A 301 -11.69 2.23 12.37
N CYS A 302 -10.95 1.85 11.34
CA CYS A 302 -10.45 0.49 11.28
C CYS A 302 -9.22 0.43 10.39
N THR A 303 -8.29 -0.43 10.79
CA THR A 303 -7.13 -0.78 9.97
C THR A 303 -7.46 -2.03 9.17
N THR A 304 -7.14 -1.99 7.87
CA THR A 304 -7.37 -3.10 6.96
C THR A 304 -6.10 -3.41 6.20
N HIS A 305 -5.69 -4.67 6.21
CA HIS A 305 -4.50 -5.12 5.50
C HIS A 305 -4.89 -5.80 4.20
N SER A 306 -4.14 -5.51 3.15
CA SER A 306 -4.45 -6.01 1.82
C SER A 306 -3.17 -6.32 1.06
N ILE A 307 -3.29 -7.22 0.09
CA ILE A 307 -2.24 -7.52 -0.88
C ILE A 307 -2.77 -7.22 -2.27
N VAL A 308 -1.93 -6.59 -3.09
CA VAL A 308 -2.30 -6.20 -4.44
C VAL A 308 -1.18 -6.58 -5.40
N MET A 309 -1.51 -7.32 -6.44
CA MET A 309 -0.52 -7.82 -7.38
C MET A 309 -0.95 -7.47 -8.79
N ARG A 310 0.01 -6.98 -9.59
CA ARG A 310 -0.19 -6.60 -10.97
C ARG A 310 0.75 -7.41 -11.85
N SER A 311 0.25 -7.84 -13.02
CA SER A 311 1.04 -8.72 -13.87
C SER A 311 2.02 -7.93 -14.73
N LYS A 312 1.66 -6.73 -15.16
CA LYS A 312 2.53 -5.95 -16.03
C LYS A 312 3.85 -5.62 -15.34
N SER A 313 3.82 -5.36 -14.05
CA SER A 313 4.99 -4.90 -13.31
C SER A 313 5.53 -5.91 -12.31
N GLY A 314 4.75 -6.92 -11.93
CA GLY A 314 5.22 -7.93 -11.00
C GLY A 314 5.39 -7.39 -9.59
N THR A 315 5.05 -6.12 -9.39
CA THR A 315 5.19 -5.46 -8.09
C THR A 315 4.05 -5.91 -7.18
N VAL A 316 4.39 -6.72 -6.18
CA VAL A 316 3.44 -7.12 -5.15
C VAL A 316 3.50 -6.08 -4.05
N ARG A 317 2.36 -5.46 -3.74
CA ARG A 317 2.28 -4.38 -2.77
C ARG A 317 1.41 -4.82 -1.61
N MET A 318 1.97 -4.78 -0.41
CA MET A 318 1.24 -5.08 0.82
C MET A 318 0.91 -3.77 1.51
N ILE A 319 -0.38 -3.48 1.66
CA ILE A 319 -0.87 -2.16 2.05
C ILE A 319 -1.70 -2.31 3.32
N GLU A 320 -1.23 -1.67 4.40
CA GLU A 320 -2.04 -1.49 5.59
C GLU A 320 -2.65 -0.11 5.53
N ALA A 321 -3.99 -0.04 5.56
CA ALA A 321 -4.72 1.20 5.39
C ALA A 321 -5.46 1.56 6.67
N TYR A 322 -5.37 2.83 7.05
CA TYR A 322 -6.00 3.38 8.24
C TYR A 322 -7.22 4.19 7.82
N HIS A 323 -8.38 3.86 8.38
CA HIS A 323 -9.63 4.50 8.02
C HIS A 323 -10.19 5.30 9.20
N ARG A 324 -10.87 6.39 8.87
CA ARG A 324 -11.56 7.21 9.87
C ARG A 324 -13.02 7.33 9.42
N LEU A 325 -13.71 8.33 9.96
CA LEU A 325 -15.11 8.56 9.58
C LEU A 325 -15.42 10.05 9.52
N GLU B 21 -1.69 7.12 -6.22
CA GLU B 21 -1.22 6.74 -7.55
C GLU B 21 0.17 7.30 -7.82
N LEU B 22 0.41 8.52 -7.32
CA LEU B 22 1.68 9.20 -7.52
C LEU B 22 2.80 8.66 -6.66
N VAL B 23 2.49 7.77 -5.70
CA VAL B 23 3.49 7.26 -4.77
C VAL B 23 4.72 6.75 -5.50
N ARG B 24 4.50 6.10 -6.66
CA ARG B 24 5.59 5.54 -7.46
C ARG B 24 6.74 6.54 -7.59
N VAL B 25 6.41 7.80 -7.90
CA VAL B 25 7.39 8.86 -8.04
C VAL B 25 8.37 8.84 -6.88
N THR B 26 7.87 9.08 -5.66
CA THR B 26 8.76 9.09 -4.50
C THR B 26 9.50 7.76 -4.38
N GLU B 27 8.79 6.65 -4.57
CA GLU B 27 9.45 5.34 -4.57
C GLU B 27 10.64 5.35 -5.52
N ALA B 28 10.39 5.73 -6.78
CA ALA B 28 11.47 5.88 -7.76
C ALA B 28 12.64 6.62 -7.14
N GLY B 29 12.37 7.84 -6.66
CA GLY B 29 13.40 8.67 -6.06
C GLY B 29 14.19 7.87 -5.06
N ALA B 30 13.49 7.30 -4.07
CA ALA B 30 14.16 6.53 -3.03
C ALA B 30 15.04 5.44 -3.63
N MET B 31 14.47 4.66 -4.56
CA MET B 31 15.25 3.60 -5.19
C MET B 31 16.52 4.17 -5.80
N ALA B 32 16.40 5.25 -6.58
CA ALA B 32 17.58 5.93 -7.10
C ALA B 32 18.52 6.31 -5.97
N ALA B 33 18.01 7.04 -4.98
CA ALA B 33 18.86 7.46 -3.88
C ALA B 33 19.36 6.27 -3.08
N GLY B 34 18.67 5.13 -3.15
CA GLY B 34 19.15 3.95 -2.46
C GLY B 34 20.53 3.51 -2.92
N ARG B 35 20.86 3.78 -4.19
CA ARG B 35 22.16 3.38 -4.71
C ARG B 35 23.27 4.24 -4.15
N TRP B 36 22.98 5.51 -3.87
CA TRP B 36 23.97 6.47 -3.41
C TRP B 36 24.08 6.53 -1.90
N VAL B 37 23.36 5.67 -1.17
CA VAL B 37 23.46 5.67 0.28
C VAL B 37 24.82 5.14 0.69
N GLY B 38 25.47 5.84 1.62
CA GLY B 38 26.78 5.45 2.07
C GLY B 38 27.91 5.77 1.14
N ARG B 39 27.64 6.54 0.08
CA ARG B 39 28.68 6.93 -0.88
C ARG B 39 29.38 8.22 -0.50
N GLY B 40 28.83 9.00 0.44
CA GLY B 40 29.40 10.26 0.83
C GLY B 40 29.23 11.39 -0.16
N ASP B 41 28.59 11.14 -1.30
CA ASP B 41 28.38 12.14 -2.34
C ASP B 41 26.92 12.61 -2.29
N LYS B 42 26.72 13.90 -2.09
CA LYS B 42 25.37 14.45 -1.99
C LYS B 42 24.78 14.75 -3.36
N GLU B 43 25.60 15.32 -4.26
CA GLU B 43 25.09 15.69 -5.58
C GLU B 43 24.63 14.45 -6.35
N GLY B 44 25.31 13.33 -6.17
CA GLY B 44 24.90 12.11 -6.85
C GLY B 44 23.52 11.65 -6.41
N GLY B 45 23.30 11.57 -5.10
CA GLY B 45 21.99 11.15 -4.61
C GLY B 45 20.89 12.10 -5.04
N ASP B 46 21.10 13.40 -4.83
CA ASP B 46 20.10 14.38 -5.25
C ASP B 46 19.78 14.25 -6.73
N GLY B 47 20.81 14.21 -7.58
CA GLY B 47 20.57 14.14 -9.00
C GLY B 47 19.86 12.87 -9.44
N ALA B 48 20.27 11.73 -8.89
CA ALA B 48 19.63 10.48 -9.28
C ALA B 48 18.16 10.47 -8.88
N ALA B 49 17.87 10.90 -7.65
CA ALA B 49 16.48 10.96 -7.20
C ALA B 49 15.67 11.92 -8.07
N VAL B 50 16.24 13.09 -8.37
CA VAL B 50 15.52 14.07 -9.17
C VAL B 50 15.23 13.52 -10.56
N ASP B 51 16.17 12.80 -11.15
CA ASP B 51 15.97 12.27 -12.50
C ASP B 51 14.90 11.19 -12.51
N ALA B 52 14.97 10.25 -11.57
CA ALA B 52 13.94 9.20 -11.49
C ALA B 52 12.56 9.82 -11.31
N MET B 53 12.46 10.80 -10.41
CA MET B 53 11.17 11.43 -10.14
C MET B 53 10.68 12.23 -11.35
N ARG B 54 11.59 12.89 -12.06
CA ARG B 54 11.17 13.65 -13.24
C ARG B 54 10.64 12.73 -14.32
N GLU B 55 11.31 11.60 -14.56
CA GLU B 55 10.77 10.61 -15.48
C GLU B 55 9.37 10.18 -15.07
N LEU B 56 9.23 9.68 -13.85
CA LEU B 56 7.92 9.16 -13.44
C LEU B 56 6.84 10.23 -13.36
N VAL B 57 7.21 11.51 -13.20
CA VAL B 57 6.18 12.54 -13.11
C VAL B 57 5.80 13.09 -14.48
N ASN B 58 6.72 13.13 -15.44
CA ASN B 58 6.31 13.37 -16.82
C ASN B 58 5.56 12.17 -17.39
N SER B 59 5.63 11.02 -16.73
CA SER B 59 4.91 9.83 -17.17
C SER B 59 3.61 9.59 -16.40
N VAL B 60 2.95 10.66 -15.93
CA VAL B 60 1.64 10.54 -15.30
C VAL B 60 0.70 11.58 -15.90
N SER B 61 -0.60 11.34 -15.69
CA SER B 61 -1.65 12.13 -16.35
C SER B 61 -2.13 13.27 -15.45
N MET B 62 -1.21 14.20 -15.20
CA MET B 62 -1.49 15.41 -14.46
C MET B 62 -1.01 16.61 -15.25
N ARG B 63 -1.60 17.76 -14.97
CA ARG B 63 -1.15 19.03 -15.54
C ARG B 63 -0.82 19.93 -14.34
N GLY B 64 0.45 19.95 -13.96
CA GLY B 64 0.84 20.59 -12.73
C GLY B 64 2.09 21.44 -12.91
N VAL B 65 2.27 22.34 -11.95
CA VAL B 65 3.38 23.29 -11.94
C VAL B 65 4.20 23.06 -10.69
N VAL B 66 5.51 22.91 -10.85
CA VAL B 66 6.43 22.77 -9.72
C VAL B 66 6.60 24.12 -9.06
N VAL B 67 5.90 24.33 -7.93
CA VAL B 67 6.09 25.53 -7.14
C VAL B 67 7.24 25.36 -6.14
N ILE B 68 7.63 24.12 -5.85
CA ILE B 68 8.68 23.82 -4.88
C ILE B 68 9.53 22.69 -5.46
N GLY B 69 10.80 22.97 -5.71
CA GLY B 69 11.70 21.97 -6.26
C GLY B 69 13.14 22.19 -5.87
N GLU B 70 14.04 22.19 -6.85
CA GLU B 70 15.47 22.40 -6.61
C GLU B 70 15.83 23.89 -6.64
N GLY B 71 15.66 24.53 -7.79
CA GLY B 71 15.99 25.94 -7.95
C GLY B 71 15.18 26.58 -9.06
N GLU B 72 15.76 27.59 -9.68
CA GLU B 72 15.12 28.33 -10.77
C GLU B 72 15.57 27.75 -12.11
N LYS B 73 15.40 28.52 -13.19
CA LYS B 73 15.76 28.05 -14.52
C LYS B 73 17.27 28.05 -14.77
N ASP B 74 18.07 28.57 -13.83
CA ASP B 74 19.51 28.64 -14.03
C ASP B 74 20.25 27.44 -13.46
N HIS B 75 20.60 27.47 -12.18
CA HIS B 75 21.39 26.40 -11.57
C HIS B 75 20.52 25.27 -11.02
N ALA B 76 19.66 24.73 -11.89
CA ALA B 76 18.83 23.57 -11.58
C ALA B 76 18.34 22.95 -12.89
N PRO B 77 19.04 21.94 -13.42
CA PRO B 77 18.61 21.38 -14.72
C PRO B 77 17.26 20.71 -14.67
N MET B 78 16.91 20.07 -13.55
CA MET B 78 15.70 19.27 -13.45
C MET B 78 14.90 19.71 -12.24
N LEU B 79 13.57 19.70 -12.38
CA LEU B 79 12.63 20.12 -11.35
C LEU B 79 12.91 21.56 -10.91
N TYR B 80 12.88 22.46 -11.89
CA TYR B 80 12.99 23.88 -11.62
C TYR B 80 11.62 24.46 -11.27
N ASN B 81 11.65 25.59 -10.55
CA ASN B 81 10.41 26.23 -10.14
C ASN B 81 9.59 26.66 -11.35
N GLY B 82 8.33 26.21 -11.39
CA GLY B 82 7.46 26.48 -12.51
C GLY B 82 7.52 25.47 -13.64
N GLU B 83 8.31 24.40 -13.49
CA GLU B 83 8.42 23.42 -14.55
C GLU B 83 7.09 22.77 -14.83
N GLU B 84 6.71 22.76 -16.11
CA GLU B 84 5.49 22.08 -16.54
C GLU B 84 5.71 20.57 -16.45
N VAL B 85 5.10 19.95 -15.46
CA VAL B 85 5.26 18.52 -15.23
C VAL B 85 3.94 17.81 -15.50
N GLY B 86 4.04 16.56 -15.91
CA GLY B 86 2.92 15.79 -16.41
C GLY B 86 3.01 15.61 -17.91
N ASN B 87 1.98 14.95 -18.45
CA ASN B 87 1.97 14.68 -19.89
C ASN B 87 1.30 15.80 -20.68
N GLY B 88 0.22 16.38 -20.15
CA GLY B 88 -0.48 17.44 -20.85
C GLY B 88 -1.94 17.54 -20.49
N ASP B 89 -2.54 16.43 -20.05
CA ASP B 89 -3.93 16.38 -19.64
C ASP B 89 -4.02 16.20 -18.13
N GLY B 90 -5.25 16.14 -17.63
CA GLY B 90 -5.50 16.08 -16.21
C GLY B 90 -5.74 17.46 -15.64
N PRO B 91 -6.12 17.53 -14.36
CA PRO B 91 -6.42 18.84 -13.77
C PRO B 91 -5.16 19.63 -13.49
N GLU B 92 -5.31 20.96 -13.50
CA GLU B 92 -4.22 21.87 -13.19
C GLU B 92 -3.98 21.89 -11.68
N CYS B 93 -2.71 21.78 -11.28
CA CYS B 93 -2.45 21.62 -9.85
C CYS B 93 -1.04 22.08 -9.47
N ASP B 94 -0.91 22.51 -8.21
CA ASP B 94 0.38 22.80 -7.60
C ASP B 94 1.10 21.53 -7.20
N PHE B 95 2.42 21.51 -7.42
CA PHE B 95 3.27 20.36 -7.18
C PHE B 95 4.49 20.81 -6.37
N ALA B 96 4.74 20.13 -5.24
CA ALA B 96 5.91 20.38 -4.42
C ALA B 96 6.63 19.04 -4.21
N VAL B 97 7.96 19.10 -4.11
CA VAL B 97 8.74 17.87 -3.97
C VAL B 97 10.06 18.17 -3.25
N ASP B 98 10.38 17.33 -2.27
CA ASP B 98 11.76 17.25 -1.78
C ASP B 98 12.29 15.89 -2.21
N PRO B 99 13.20 15.86 -3.20
CA PRO B 99 13.74 14.58 -3.67
C PRO B 99 14.35 13.77 -2.54
N ILE B 100 15.30 14.34 -1.82
CA ILE B 100 15.84 13.75 -0.61
C ILE B 100 15.78 14.79 0.48
N ASP B 101 14.90 14.57 1.45
CA ASP B 101 14.96 15.31 2.70
C ASP B 101 16.00 14.66 3.60
N GLY B 102 17.06 15.40 3.89
CA GLY B 102 18.18 14.84 4.64
C GLY B 102 19.20 14.19 3.73
N THR B 103 19.64 14.92 2.70
CA THR B 103 20.66 14.40 1.80
C THR B 103 21.95 14.11 2.55
N THR B 104 22.27 14.94 3.54
CA THR B 104 23.46 14.69 4.36
C THR B 104 23.35 13.34 5.06
N LEU B 105 22.16 13.01 5.57
CA LEU B 105 21.99 11.72 6.23
C LEU B 105 22.03 10.57 5.24
N MET B 106 21.45 10.77 4.05
CA MET B 106 21.52 9.76 3.01
C MET B 106 22.97 9.46 2.63
N SER B 107 23.82 10.50 2.62
CA SER B 107 25.19 10.33 2.16
C SER B 107 26.07 9.62 3.18
N LYS B 108 25.81 9.82 4.48
CA LYS B 108 26.61 9.23 5.52
C LYS B 108 26.05 7.88 6.01
N GLY B 109 25.22 7.22 5.21
CA GLY B 109 24.67 5.94 5.58
C GLY B 109 23.87 5.95 6.87
N MET B 110 23.33 7.11 7.26
CA MET B 110 22.63 7.23 8.53
C MET B 110 21.14 7.02 8.35
N THR B 111 20.35 7.69 9.19
CA THR B 111 18.92 7.42 9.31
C THR B 111 18.10 8.67 8.96
N ASN B 112 16.78 8.51 9.04
CA ASN B 112 15.82 9.61 8.95
C ASN B 112 15.90 10.36 7.63
N ALA B 113 16.00 9.62 6.54
CA ALA B 113 16.07 10.20 5.21
C ALA B 113 14.94 9.62 4.36
N ILE B 114 14.17 10.52 3.72
CA ILE B 114 12.98 10.15 2.97
C ILE B 114 12.91 10.96 1.67
N SER B 115 11.90 10.64 0.87
CA SER B 115 11.65 11.30 -0.42
C SER B 115 10.17 11.64 -0.50
N VAL B 116 9.85 12.94 -0.56
CA VAL B 116 8.47 13.37 -0.40
C VAL B 116 8.01 14.20 -1.58
N LEU B 117 6.71 14.11 -1.87
CA LEU B 117 6.03 15.03 -2.76
C LEU B 117 4.66 15.34 -2.19
N ALA B 118 4.12 16.49 -2.61
CA ALA B 118 2.79 16.91 -2.24
C ALA B 118 2.13 17.57 -3.45
N VAL B 119 0.82 17.37 -3.58
CA VAL B 119 0.05 17.88 -4.70
C VAL B 119 -1.21 18.53 -4.16
N ALA B 120 -1.50 19.74 -4.62
CA ALA B 120 -2.72 20.43 -4.23
C ALA B 120 -3.34 21.10 -5.45
N ASP B 121 -4.54 21.63 -5.29
CA ASP B 121 -5.14 22.41 -6.34
C ASP B 121 -4.27 23.62 -6.66
N ARG B 122 -4.38 24.12 -7.89
CA ARG B 122 -3.47 25.15 -8.37
C ARG B 122 -3.61 26.42 -7.53
N GLY B 123 -2.49 27.12 -7.38
CA GLY B 123 -2.47 28.42 -6.71
C GLY B 123 -2.61 28.39 -5.22
N THR B 124 -2.58 27.21 -4.60
CA THR B 124 -2.78 27.08 -3.16
C THR B 124 -1.47 27.03 -2.38
N MET B 125 -0.45 26.40 -2.93
CA MET B 125 0.83 26.29 -2.23
C MET B 125 1.49 27.65 -2.14
N PHE B 126 1.91 28.02 -0.93
CA PHE B 126 2.52 29.32 -0.69
C PHE B 126 3.80 29.47 -1.51
N ASP B 127 3.97 30.64 -2.12
CA ASP B 127 5.13 30.91 -2.96
C ASP B 127 6.41 30.90 -2.13
N PRO B 128 7.27 29.89 -2.26
CA PRO B 128 8.42 29.78 -1.35
C PRO B 128 9.59 30.67 -1.69
N SER B 129 9.71 31.13 -2.93
CA SER B 129 10.91 31.81 -3.42
C SER B 129 11.11 33.16 -2.74
N ALA B 130 10.24 33.51 -1.79
CA ALA B 130 10.37 34.73 -1.03
C ALA B 130 11.60 34.68 -0.13
N VAL B 131 11.41 34.19 1.10
CA VAL B 131 12.49 34.07 2.08
C VAL B 131 12.83 32.61 2.25
N PHE B 132 14.12 32.33 2.45
CA PHE B 132 14.60 30.95 2.45
C PHE B 132 14.12 30.19 3.69
N TYR B 133 14.13 30.84 4.85
CA TYR B 133 13.91 30.19 6.13
C TYR B 133 12.55 30.60 6.70
N MET B 134 12.19 29.92 7.80
CA MET B 134 11.02 30.32 8.57
C MET B 134 11.05 29.63 9.92
N ASN B 135 10.75 30.40 10.97
CA ASN B 135 10.49 29.80 12.28
C ASN B 135 9.12 29.11 12.24
N LYS B 136 9.05 27.94 12.85
CA LYS B 136 7.87 27.10 12.73
C LYS B 136 7.65 26.33 14.02
N ILE B 137 6.38 25.96 14.22
CA ILE B 137 5.95 25.18 15.38
C ILE B 137 4.73 24.37 14.96
N ALA B 138 4.71 23.09 15.35
CA ALA B 138 3.68 22.19 14.86
C ALA B 138 3.39 21.11 15.90
N VAL B 139 2.10 20.79 16.05
CA VAL B 139 1.65 19.79 17.01
C VAL B 139 0.57 18.93 16.37
N GLY B 140 0.32 17.77 17.01
CA GLY B 140 -0.70 16.86 16.58
C GLY B 140 -2.09 17.44 16.75
N PRO B 141 -3.10 16.66 16.34
CA PRO B 141 -4.47 17.16 16.39
C PRO B 141 -4.96 17.48 17.79
N ASP B 142 -4.29 16.95 18.82
CA ASP B 142 -4.66 17.18 20.21
C ASP B 142 -4.62 18.67 20.52
N ALA B 143 -3.40 19.23 20.55
CA ALA B 143 -3.17 20.65 20.81
C ALA B 143 -3.32 21.52 19.58
N ALA B 144 -4.31 21.22 18.72
CA ALA B 144 -4.40 21.90 17.42
C ALA B 144 -4.63 23.39 17.58
N HIS B 145 -5.24 23.83 18.67
CA HIS B 145 -5.70 25.21 18.81
C HIS B 145 -4.87 26.03 19.78
N VAL B 146 -4.20 25.42 20.76
CA VAL B 146 -3.48 26.15 21.78
C VAL B 146 -2.17 26.69 21.23
N LEU B 147 -1.92 26.48 19.94
CA LEU B 147 -0.64 26.75 19.34
C LEU B 147 -0.53 28.22 18.93
N ASP B 148 0.52 28.88 19.39
CA ASP B 148 0.76 30.30 19.08
C ASP B 148 2.27 30.49 18.94
N ILE B 149 2.73 30.73 17.71
CA ILE B 149 4.16 30.82 17.45
C ILE B 149 4.79 32.08 18.03
N THR B 150 4.01 33.16 18.20
CA THR B 150 4.53 34.41 18.71
C THR B 150 4.76 34.39 20.23
N ALA B 151 4.21 33.42 20.94
CA ALA B 151 4.38 33.28 22.38
C ALA B 151 5.63 32.44 22.69
N PRO B 152 6.23 32.61 23.87
CA PRO B 152 7.43 31.84 24.19
C PRO B 152 7.16 30.35 24.18
N ILE B 153 8.17 29.58 23.74
CA ILE B 153 8.05 28.13 23.70
C ILE B 153 7.69 27.57 25.08
N SER B 154 8.01 28.29 26.16
CA SER B 154 7.58 27.88 27.49
C SER B 154 6.06 27.79 27.55
N GLU B 155 5.37 28.86 27.12
CA GLU B 155 3.92 28.90 27.18
C GLU B 155 3.30 27.87 26.24
N ASN B 156 3.85 27.73 25.02
CA ASN B 156 3.32 26.73 24.10
C ASN B 156 3.48 25.33 24.66
N ILE B 157 4.62 25.04 25.28
CA ILE B 157 4.83 23.71 25.85
C ILE B 157 3.86 23.47 27.00
N ARG B 158 3.68 24.46 27.88
CA ARG B 158 2.70 24.33 28.96
C ARG B 158 1.31 24.04 28.41
N ALA B 159 0.91 24.77 27.37
CA ALA B 159 -0.43 24.61 26.80
C ALA B 159 -0.59 23.23 26.17
N VAL B 160 0.38 22.80 25.38
CA VAL B 160 0.28 21.49 24.72
C VAL B 160 0.26 20.39 25.75
N ALA B 161 1.02 20.54 26.85
CA ALA B 161 1.03 19.51 27.88
C ALA B 161 -0.31 19.48 28.62
N LYS B 162 -0.90 20.65 28.88
CA LYS B 162 -2.15 20.67 29.63
C LYS B 162 -3.33 20.18 28.80
N VAL B 163 -3.29 20.37 27.48
CA VAL B 163 -4.37 19.85 26.65
C VAL B 163 -4.16 18.37 26.35
N LYS B 164 -2.91 17.93 26.19
CA LYS B 164 -2.63 16.51 25.97
C LYS B 164 -2.62 15.71 27.26
N ASP B 165 -2.98 16.32 28.39
CA ASP B 165 -3.03 15.65 29.68
C ASP B 165 -1.71 14.95 30.00
N LEU B 166 -0.61 15.62 29.65
CA LEU B 166 0.74 15.14 29.89
C LEU B 166 1.45 16.01 30.92
N SER B 167 2.55 15.49 31.44
CA SER B 167 3.46 16.28 32.24
C SER B 167 4.40 17.06 31.33
N VAL B 168 4.71 18.31 31.72
CA VAL B 168 5.60 19.14 30.92
C VAL B 168 7.00 18.55 30.83
N ARG B 169 7.39 17.70 31.78
CA ARG B 169 8.68 17.03 31.73
C ARG B 169 8.63 15.72 30.94
N ASP B 170 7.45 15.21 30.64
CA ASP B 170 7.30 14.08 29.73
C ASP B 170 7.24 14.51 28.27
N MET B 171 6.82 15.74 27.98
CA MET B 171 6.75 16.22 26.61
C MET B 171 8.11 16.18 25.93
N THR B 172 8.11 15.75 24.67
CA THR B 172 9.30 15.74 23.84
C THR B 172 9.12 16.73 22.69
N VAL B 173 10.13 17.58 22.49
CA VAL B 173 10.11 18.58 21.43
C VAL B 173 11.18 18.22 20.42
N CYS B 174 10.84 18.30 19.14
CA CYS B 174 11.79 18.07 18.08
C CYS B 174 12.39 19.39 17.63
N ILE B 175 13.72 19.48 17.64
CA ILE B 175 14.43 20.69 17.27
C ILE B 175 15.64 20.31 16.43
N LEU B 176 15.86 21.04 15.33
CA LEU B 176 17.06 20.85 14.52
C LEU B 176 18.29 21.28 15.30
N ASP B 177 19.28 20.39 15.39
CA ASP B 177 20.52 20.67 16.13
C ASP B 177 21.36 21.68 15.35
N ARG B 178 21.02 22.96 15.51
CA ARG B 178 21.78 24.06 14.94
C ARG B 178 22.10 25.09 16.01
N PRO B 179 23.18 25.87 15.82
CA PRO B 179 23.45 26.97 16.75
C PRO B 179 22.32 27.99 16.80
N ARG B 180 21.64 28.20 15.67
CA ARG B 180 20.55 29.17 15.59
C ARG B 180 19.39 28.86 16.52
N HIS B 181 19.25 27.61 16.98
CA HIS B 181 18.20 27.24 17.90
C HIS B 181 18.66 27.24 19.35
N ALA B 182 19.91 27.63 19.62
CA ALA B 182 20.50 27.58 20.96
C ALA B 182 19.49 28.00 22.03
N GLN B 183 19.20 29.30 22.08
CA GLN B 183 18.13 29.85 22.92
C GLN B 183 16.95 28.91 23.07
N LEU B 184 16.26 28.65 21.94
CA LEU B 184 15.09 27.77 21.93
C LEU B 184 15.31 26.54 22.79
N ILE B 185 16.36 25.77 22.48
CA ILE B 185 16.66 24.54 23.20
C ILE B 185 16.62 24.79 24.71
N HIS B 186 17.44 25.73 25.17
CA HIS B 186 17.54 25.97 26.60
C HIS B 186 16.18 26.32 27.20
N ASP B 187 15.41 27.16 26.49
CA ASP B 187 14.07 27.49 26.97
C ASP B 187 13.25 26.23 27.18
N VAL B 188 13.20 25.37 26.15
CA VAL B 188 12.48 24.10 26.29
C VAL B 188 13.02 23.31 27.48
N ARG B 189 14.36 23.31 27.63
CA ARG B 189 14.95 22.54 28.72
C ARG B 189 14.65 23.16 30.07
N ALA B 190 14.47 24.49 30.13
CA ALA B 190 14.04 25.10 31.37
C ALA B 190 12.64 24.62 31.76
N THR B 191 11.83 24.27 30.76
CA THR B 191 10.54 23.65 31.02
C THR B 191 10.69 22.21 31.51
N GLY B 192 11.87 21.64 31.36
CA GLY B 192 12.07 20.23 31.64
C GLY B 192 11.57 19.30 30.54
N ALA B 193 11.01 19.85 29.47
CA ALA B 193 10.53 19.03 28.37
C ALA B 193 11.70 18.36 27.66
N ARG B 194 11.43 17.18 27.12
CA ARG B 194 12.45 16.43 26.40
C ARG B 194 12.66 17.06 25.03
N ILE B 195 13.89 16.97 24.54
CA ILE B 195 14.23 17.47 23.21
C ILE B 195 14.84 16.34 22.40
N ARG B 196 14.17 15.97 21.31
CA ARG B 196 14.73 15.06 20.33
C ARG B 196 15.46 15.90 19.30
N LEU B 197 16.78 15.92 19.37
CA LEU B 197 17.60 16.69 18.44
C LEU B 197 17.86 15.85 17.20
N ILE B 198 17.49 16.40 16.04
CA ILE B 198 17.63 15.72 14.76
C ILE B 198 18.73 16.40 13.98
N THR B 199 19.52 15.59 13.26
CA THR B 199 20.59 16.11 12.42
C THR B 199 20.02 17.03 11.34
N ASP B 200 19.24 16.46 10.43
CA ASP B 200 18.51 17.20 9.41
C ASP B 200 17.10 16.64 9.33
N GLY B 201 16.31 17.19 8.40
CA GLY B 201 15.02 16.62 8.06
C GLY B 201 13.87 17.01 8.97
N ASP B 202 13.42 18.25 8.88
CA ASP B 202 12.29 18.67 9.69
C ASP B 202 10.94 18.34 9.07
N VAL B 203 10.91 17.84 7.84
CA VAL B 203 9.68 17.27 7.31
C VAL B 203 9.27 16.05 8.13
N ALA B 204 10.20 15.11 8.28
CA ALA B 204 9.99 13.98 9.18
C ALA B 204 9.68 14.45 10.60
N GLY B 205 10.31 15.53 11.03
CA GLY B 205 10.06 16.02 12.38
C GLY B 205 8.64 16.50 12.57
N ALA B 206 8.13 17.29 11.62
CA ALA B 206 6.76 17.75 11.71
C ALA B 206 5.78 16.59 11.63
N ILE B 207 6.01 15.67 10.69
CA ILE B 207 5.09 14.56 10.51
C ILE B 207 5.10 13.66 11.75
N SER B 208 6.23 13.58 12.44
CA SER B 208 6.30 12.80 13.67
C SER B 208 5.64 13.51 14.84
N ALA B 209 5.83 14.83 14.94
CA ALA B 209 5.19 15.59 16.00
C ALA B 209 3.67 15.52 15.89
N CYS B 210 3.16 15.59 14.66
CA CYS B 210 1.72 15.50 14.45
C CYS B 210 1.21 14.07 14.44
N ARG B 211 2.10 13.08 14.43
CA ARG B 211 1.65 11.70 14.45
C ARG B 211 1.21 11.30 15.87
N PRO B 212 0.13 10.56 15.99
CA PRO B 212 -0.23 9.99 17.30
C PRO B 212 0.63 8.78 17.63
N HIS B 213 0.80 8.56 18.94
CA HIS B 213 1.61 7.46 19.47
C HIS B 213 3.04 7.50 18.92
N SER B 214 3.49 8.69 18.54
CA SER B 214 4.88 8.94 18.20
C SER B 214 5.58 9.55 19.40
N GLY B 215 6.88 9.24 19.54
CA GLY B 215 7.63 9.72 20.68
C GLY B 215 7.70 11.22 20.81
N THR B 216 7.47 11.95 19.72
CA THR B 216 7.60 13.40 19.69
C THR B 216 6.22 14.05 19.70
N ASP B 217 6.06 15.08 20.53
CA ASP B 217 4.78 15.74 20.73
C ASP B 217 4.68 17.10 20.05
N LEU B 218 5.79 17.64 19.55
CA LEU B 218 5.87 19.02 19.13
C LEU B 218 7.16 19.26 18.36
N LEU B 219 7.07 19.96 17.25
CA LEU B 219 8.23 20.40 16.49
C LEU B 219 8.34 21.91 16.57
N ALA B 220 9.49 22.41 16.99
CA ALA B 220 9.73 23.84 17.07
C ALA B 220 11.10 24.17 16.49
N GLY B 221 11.20 25.34 15.88
CA GLY B 221 12.49 25.82 15.42
C GLY B 221 12.45 26.47 14.06
N ILE B 222 13.55 27.08 13.65
CA ILE B 222 13.66 27.68 12.33
C ILE B 222 14.12 26.61 11.35
N GLY B 223 13.33 26.39 10.30
CA GLY B 223 13.68 25.45 9.27
C GLY B 223 13.51 26.02 7.87
N GLY B 224 13.57 25.14 6.88
CA GLY B 224 13.43 25.58 5.50
C GLY B 224 11.98 25.86 5.14
N THR B 225 11.80 26.86 4.27
CA THR B 225 10.47 27.21 3.79
C THR B 225 9.84 26.09 2.96
N PRO B 226 10.53 25.48 1.98
CA PRO B 226 9.87 24.40 1.22
C PRO B 226 9.54 23.20 2.09
N GLU B 227 10.44 22.85 3.00
CA GLU B 227 10.16 21.77 3.95
C GLU B 227 8.95 22.13 4.80
N GLY B 228 8.84 23.40 5.19
CA GLY B 228 7.68 23.82 5.97
C GLY B 228 6.39 23.66 5.20
N ILE B 229 6.40 24.04 3.91
CA ILE B 229 5.18 23.94 3.12
C ILE B 229 4.79 22.49 2.88
N ILE B 230 5.78 21.63 2.62
CA ILE B 230 5.49 20.22 2.41
C ILE B 230 4.96 19.58 3.71
N ALA B 231 5.56 19.94 4.84
CA ALA B 231 5.06 19.47 6.12
C ALA B 231 3.64 19.97 6.36
N ALA B 232 3.34 21.19 5.90
CA ALA B 232 1.99 21.71 6.06
C ALA B 232 0.98 20.91 5.24
N ALA B 233 1.35 20.56 4.01
CA ALA B 233 0.46 19.72 3.21
C ALA B 233 0.24 18.36 3.88
N ALA B 234 1.32 17.77 4.40
CA ALA B 234 1.19 16.49 5.10
C ALA B 234 0.30 16.63 6.33
N ILE B 235 0.40 17.76 7.03
CA ILE B 235 -0.40 18.00 8.23
C ILE B 235 -1.87 18.14 7.87
N ARG B 236 -2.16 18.88 6.79
CA ARG B 236 -3.54 18.97 6.32
C ARG B 236 -4.10 17.61 5.98
N CYS B 237 -3.32 16.78 5.29
CA CYS B 237 -3.81 15.46 4.92
C CYS B 237 -3.97 14.55 6.13
N MET B 238 -3.17 14.78 7.18
CA MET B 238 -3.06 13.88 8.32
C MET B 238 -3.77 14.38 9.57
N GLY B 239 -3.68 15.66 9.87
CA GLY B 239 -4.22 16.21 11.10
C GLY B 239 -3.15 16.99 11.86
N GLY B 240 -3.62 17.67 12.90
CA GLY B 240 -2.74 18.56 13.61
C GLY B 240 -2.64 19.91 12.93
N ALA B 241 -1.64 20.69 13.34
CA ALA B 241 -1.51 22.03 12.79
C ALA B 241 -0.07 22.52 12.93
N ILE B 242 0.27 23.50 12.09
CA ILE B 242 1.56 24.15 12.06
C ILE B 242 1.34 25.66 11.97
N GLN B 243 2.33 26.41 12.44
CA GLN B 243 2.35 27.86 12.40
C GLN B 243 3.77 28.30 12.10
N ALA B 244 3.92 29.28 11.21
CA ALA B 244 5.25 29.66 10.76
C ALA B 244 5.29 31.13 10.40
N GLN B 245 6.45 31.74 10.65
CA GLN B 245 6.78 33.08 10.20
C GLN B 245 8.08 33.06 9.41
N LEU B 246 8.07 33.74 8.26
CA LEU B 246 9.28 33.85 7.45
C LEU B 246 10.41 34.48 8.27
N ALA B 247 11.60 33.91 8.17
CA ALA B 247 12.75 34.34 8.96
C ALA B 247 13.89 34.74 8.03
N PRO B 248 14.06 36.03 7.74
CA PRO B 248 15.16 36.45 6.86
C PRO B 248 16.52 36.12 7.46
N ARG B 249 17.41 35.58 6.62
CA ARG B 249 18.74 35.22 7.09
C ARG B 249 19.62 36.46 7.28
N ASP B 250 19.54 37.40 6.36
CA ASP B 250 20.22 38.69 6.49
C ASP B 250 19.21 39.81 6.31
N ASP B 251 19.67 41.05 6.54
CA ASP B 251 18.81 42.20 6.35
C ASP B 251 18.53 42.44 4.87
N ALA B 252 19.44 42.01 4.00
CA ALA B 252 19.20 42.10 2.56
C ALA B 252 17.96 41.30 2.17
N GLU B 253 17.86 40.06 2.64
CA GLU B 253 16.66 39.27 2.38
C GLU B 253 15.45 39.82 3.13
N ARG B 254 15.65 40.54 4.23
CA ARG B 254 14.55 41.25 4.86
C ARG B 254 13.94 42.28 3.92
N ARG B 255 14.78 43.12 3.32
CA ARG B 255 14.26 44.09 2.36
C ARG B 255 13.74 43.40 1.09
N LYS B 256 14.32 42.26 0.73
CA LYS B 256 13.75 41.44 -0.34
C LYS B 256 12.30 41.06 -0.04
N ALA B 257 12.04 40.59 1.18
CA ALA B 257 10.69 40.20 1.57
C ALA B 257 9.77 41.42 1.66
N LEU B 258 10.29 42.56 2.14
CA LEU B 258 9.48 43.77 2.19
C LEU B 258 9.03 44.19 0.79
N GLU B 259 9.96 44.21 -0.17
CA GLU B 259 9.59 44.54 -1.54
C GLU B 259 8.65 43.49 -2.14
N ALA B 260 8.83 42.23 -1.76
CA ALA B 260 7.97 41.17 -2.27
C ALA B 260 6.55 41.23 -1.69
N GLY B 261 6.30 42.11 -0.73
CA GLY B 261 4.96 42.30 -0.21
C GLY B 261 4.55 41.30 0.86
N TYR B 262 5.39 41.10 1.86
CA TYR B 262 5.12 40.16 2.94
C TYR B 262 5.27 40.86 4.28
N ASP B 263 4.22 40.79 5.10
CA ASP B 263 4.28 41.29 6.47
C ASP B 263 5.08 40.30 7.30
N LEU B 264 6.24 40.74 7.82
CA LEU B 264 7.15 39.82 8.46
C LEU B 264 6.59 39.28 9.76
N ASN B 265 5.85 40.11 10.51
CA ASN B 265 5.22 39.69 11.76
C ASN B 265 3.85 39.07 11.54
N GLN B 266 3.63 38.46 10.38
CA GLN B 266 2.38 37.77 10.06
C GLN B 266 2.56 36.28 10.28
N VAL B 267 1.61 35.68 11.00
CA VAL B 267 1.64 34.26 11.32
C VAL B 267 0.94 33.49 10.21
N LEU B 268 1.54 32.37 9.80
CA LEU B 268 1.00 31.52 8.74
C LEU B 268 0.58 30.20 9.35
N THR B 269 -0.72 29.93 9.34
CA THR B 269 -1.25 28.68 9.88
C THR B 269 -1.00 27.55 8.88
N THR B 270 -1.58 26.38 9.17
CA THR B 270 -1.39 25.24 8.29
C THR B 270 -2.04 25.47 6.93
N GLU B 271 -3.28 25.97 6.94
CA GLU B 271 -4.00 26.22 5.71
C GLU B 271 -3.43 27.40 4.93
N ASP B 272 -2.58 28.22 5.55
CA ASP B 272 -1.97 29.33 4.82
C ASP B 272 -0.90 28.85 3.86
N LEU B 273 -0.05 27.91 4.31
CA LEU B 273 1.02 27.42 3.45
C LEU B 273 0.46 26.56 2.31
N VAL B 274 -0.58 25.79 2.58
CA VAL B 274 -1.27 24.99 1.57
C VAL B 274 -2.77 25.21 1.77
N SER B 275 -3.45 25.72 0.73
CA SER B 275 -4.79 26.27 0.88
C SER B 275 -5.74 25.71 -0.18
N GLY B 276 -5.81 24.38 -0.29
CA GLY B 276 -6.70 23.73 -1.22
C GLY B 276 -7.84 22.99 -0.54
N GLU B 277 -8.59 22.25 -1.36
CA GLU B 277 -9.63 21.36 -0.89
C GLU B 277 -9.33 19.89 -1.19
N ASN B 278 -8.52 19.62 -2.22
CA ASN B 278 -8.05 18.28 -2.55
C ASN B 278 -6.52 18.31 -2.50
N VAL B 279 -5.94 17.60 -1.54
CA VAL B 279 -4.50 17.63 -1.32
C VAL B 279 -4.00 16.19 -1.16
N PHE B 280 -2.81 15.92 -1.69
CA PHE B 280 -2.19 14.60 -1.67
C PHE B 280 -0.76 14.73 -1.15
N PHE B 281 -0.34 13.77 -0.34
CA PHE B 281 1.02 13.75 0.17
C PHE B 281 1.49 12.30 0.24
N CYS B 282 2.78 12.10 0.00
CA CYS B 282 3.34 10.76 0.07
C CYS B 282 4.84 10.84 0.28
N ALA B 283 5.37 9.84 0.98
CA ALA B 283 6.79 9.77 1.28
C ALA B 283 7.27 8.34 1.10
N THR B 284 8.53 8.19 0.69
CA THR B 284 9.15 6.89 0.59
C THR B 284 10.46 6.89 1.37
N GLY B 285 10.65 5.89 2.23
CA GLY B 285 11.84 5.83 3.07
C GLY B 285 13.11 5.46 2.33
N VAL B 286 13.99 6.42 2.06
CA VAL B 286 15.22 6.05 1.40
C VAL B 286 16.16 5.37 2.37
N THR B 287 16.14 5.79 3.64
CA THR B 287 16.92 5.11 4.67
C THR B 287 15.98 4.69 5.79
N ASP B 288 16.53 3.91 6.72
CA ASP B 288 15.80 3.53 7.91
C ASP B 288 15.36 4.78 8.66
N GLY B 289 14.04 4.95 8.78
CA GLY B 289 13.48 6.10 9.45
C GLY B 289 12.56 5.67 10.57
N ASP B 290 12.11 6.66 11.34
CA ASP B 290 11.23 6.41 12.48
C ASP B 290 9.86 5.88 12.08
N LEU B 291 9.52 5.92 10.79
CA LEU B 291 8.26 5.36 10.30
C LEU B 291 8.49 4.48 9.08
N LEU B 292 9.16 5.01 8.08
CA LEU B 292 9.34 4.33 6.80
C LEU B 292 10.64 3.54 6.81
N LYS B 293 10.55 2.22 6.69
CA LYS B 293 11.72 1.40 6.53
C LYS B 293 12.48 1.80 5.27
N GLY B 294 13.80 1.63 5.29
CA GLY B 294 14.63 1.99 4.17
C GLY B 294 14.39 1.11 2.95
N VAL B 295 15.09 1.45 1.87
CA VAL B 295 15.00 0.70 0.63
C VAL B 295 16.05 -0.41 0.69
N ARG B 296 15.61 -1.64 0.93
CA ARG B 296 16.48 -2.79 0.93
C ARG B 296 16.68 -3.30 -0.50
N TYR B 297 17.80 -3.98 -0.73
CA TYR B 297 18.18 -4.40 -2.07
C TYR B 297 18.43 -5.91 -2.09
N TYR B 298 17.50 -6.64 -2.71
CA TYR B 298 17.62 -8.07 -2.90
C TYR B 298 18.39 -8.35 -4.19
N PRO B 299 18.83 -9.60 -4.39
CA PRO B 299 19.44 -9.94 -5.69
C PRO B 299 18.47 -9.81 -6.85
N GLY B 300 17.19 -10.04 -6.63
CA GLY B 300 16.21 -9.99 -7.71
C GLY B 300 15.46 -8.68 -7.82
N GLY B 301 15.41 -7.93 -6.71
CA GLY B 301 14.69 -6.67 -6.70
C GLY B 301 14.91 -5.88 -5.43
N CYS B 302 13.93 -5.06 -5.06
CA CYS B 302 14.10 -4.19 -3.90
C CYS B 302 12.75 -3.86 -3.29
N THR B 303 12.71 -3.75 -1.97
CA THR B 303 11.52 -3.33 -1.25
C THR B 303 11.59 -1.84 -0.92
N THR B 304 10.47 -1.15 -1.09
CA THR B 304 10.36 0.24 -0.70
C THR B 304 9.13 0.42 0.18
N HIS B 305 9.30 1.11 1.31
CA HIS B 305 8.21 1.38 2.23
C HIS B 305 7.83 2.86 2.16
N SER B 306 6.57 3.12 1.83
CA SER B 306 6.04 4.45 1.58
C SER B 306 4.80 4.66 2.43
N ILE B 307 4.38 5.91 2.51
CA ILE B 307 3.12 6.30 3.14
C ILE B 307 2.42 7.29 2.23
N VAL B 308 1.09 7.14 2.11
CA VAL B 308 0.26 8.00 1.28
C VAL B 308 -0.90 8.51 2.11
N MET B 309 -1.13 9.82 2.08
CA MET B 309 -2.26 10.42 2.77
C MET B 309 -2.93 11.46 1.89
N ARG B 310 -4.24 11.33 1.72
CA ARG B 310 -5.05 12.25 0.94
C ARG B 310 -5.86 13.14 1.88
N SER B 311 -6.28 14.29 1.36
CA SER B 311 -6.88 15.33 2.21
C SER B 311 -8.34 15.02 2.56
N LYS B 312 -9.23 15.16 1.58
CA LYS B 312 -10.66 14.99 1.83
C LYS B 312 -10.99 13.58 2.33
N SER B 313 -10.18 12.58 2.01
CA SER B 313 -10.50 11.21 2.41
C SER B 313 -10.17 10.95 3.88
N GLY B 314 -9.04 11.46 4.36
CA GLY B 314 -8.61 11.10 5.70
C GLY B 314 -8.12 9.68 5.84
N THR B 315 -8.03 8.93 4.74
CA THR B 315 -7.49 7.59 4.75
C THR B 315 -5.99 7.64 4.49
N VAL B 316 -5.21 7.03 5.38
CA VAL B 316 -3.76 7.05 5.31
C VAL B 316 -3.28 5.61 5.20
N ARG B 317 -2.32 5.38 4.29
CA ARG B 317 -1.92 4.05 3.89
C ARG B 317 -0.42 3.87 4.00
N MET B 318 0.00 2.69 4.46
CA MET B 318 1.40 2.29 4.62
C MET B 318 1.69 1.18 3.62
N ILE B 319 2.45 1.49 2.58
CA ILE B 319 2.57 0.66 1.39
C ILE B 319 3.99 0.14 1.29
N GLU B 320 4.17 -1.17 1.46
CA GLU B 320 5.43 -1.82 1.17
C GLU B 320 5.33 -2.46 -0.22
N ALA B 321 6.28 -2.13 -1.09
CA ALA B 321 6.25 -2.57 -2.48
C ALA B 321 7.51 -3.38 -2.79
N TYR B 322 7.31 -4.61 -3.27
CA TYR B 322 8.39 -5.47 -3.76
C TYR B 322 8.55 -5.22 -5.26
N HIS B 323 9.52 -4.39 -5.62
CA HIS B 323 9.80 -4.11 -7.02
C HIS B 323 10.71 -5.20 -7.57
N ARG B 324 10.23 -5.89 -8.60
CA ARG B 324 11.01 -6.89 -9.31
C ARG B 324 11.69 -6.23 -10.51
N LEU B 325 13.01 -6.21 -10.50
CA LEU B 325 13.77 -5.45 -11.48
C LEU B 325 14.48 -6.36 -12.47
C1 GOL C . -2.62 -34.62 -8.84
O1 GOL C . -1.79 -35.64 -8.39
C2 GOL C . -3.97 -35.28 -9.18
O2 GOL C . -3.87 -36.26 -10.16
C3 GOL C . -4.46 -35.87 -7.83
O3 GOL C . -5.32 -34.93 -7.25
P1 FBP D . -16.49 -21.07 1.78
O1P FBP D . -17.13 -22.35 1.30
O2P FBP D . -17.22 -19.89 1.18
O3P FBP D . -16.54 -21.00 3.30
O1 FBP D . -14.91 -21.04 1.28
C1 FBP D . -14.61 -21.58 -0.03
C2 FBP D . -13.79 -22.88 0.12
O2 FBP D . -13.14 -22.94 1.37
C3 FBP D . -12.73 -22.96 -1.05
O3 FBP D . -11.55 -22.41 -0.67
C4 FBP D . -12.58 -24.42 -1.30
O4 FBP D . -12.14 -24.66 -2.71
C5 FBP D . -13.83 -24.91 -1.09
O5 FBP D . -14.55 -23.92 -0.04
C6 FBP D . -13.75 -26.29 -0.54
O6 FBP D . -14.90 -27.01 -0.93
P2 FBP D . -15.94 -27.49 0.26
O4P FBP D . -15.62 -28.92 0.65
O5P FBP D . -15.78 -26.59 1.44
O6P FBP D . -17.36 -27.43 -0.25
MG MG E . -16.83 -18.14 -0.43
P1 FBP F . 19.33 18.30 3.67
O1P FBP F . 18.76 17.93 2.32
O2P FBP F . 19.85 19.73 3.62
O3P FBP F . 20.45 17.37 4.05
O1 FBP F . 18.11 18.20 4.81
C1 FBP F . 16.97 19.06 4.68
C2 FBP F . 16.86 19.98 5.91
O2 FBP F . 17.38 19.37 7.07
C3 FBP F . 15.36 20.42 6.16
O3 FBP F . 14.70 19.52 6.93
C4 FBP F . 15.50 21.74 6.88
O4 FBP F . 14.41 22.67 6.50
C5 FBP F . 16.69 22.24 6.51
O5 FBP F . 17.49 21.10 5.69
C6 FBP F . 17.49 22.63 7.72
O6 FBP F . 18.04 23.91 7.51
P2 FBP F . 19.69 24.05 7.40
O4P FBP F . 20.28 22.80 6.81
O5P FBP F . 20.29 24.29 8.79
O6P FBP F . 20.02 25.24 6.53
MG MG G . 16.88 18.35 0.24
C1 GOL H . 29.38 18.29 17.49
O1 GOL H . 29.15 19.53 16.91
C2 GOL H . 28.07 17.85 18.20
O2 GOL H . 28.09 16.52 18.55
C3 GOL H . 27.96 18.78 19.44
O3 GOL H . 26.71 18.56 20.01
#